data_6USM
#
_entry.id   6USM
#
_cell.length_a   102.690
_cell.length_b   102.690
_cell.length_c   134.210
_cell.angle_alpha   90.000
_cell.angle_beta   90.000
_cell.angle_gamma   120.000
#
_symmetry.space_group_name_H-M   'P 31 2 1'
#
loop_
_entity.id
_entity.type
_entity.pdbx_description
1 polymer 'Maltodextrin-binding protein'
2 polymer 'Non-structural protein NS1'
3 branched alpha-D-glucopyranose-(1-4)-alpha-D-glucopyranose
4 non-polymer 'ZINC ION'
#
loop_
_entity_poly.entity_id
_entity_poly.type
_entity_poly.pdbx_seq_one_letter_code
_entity_poly.pdbx_strand_id
1 'polypeptide(L)'
;MKIEEGKLVIWINGDKGYNGLAEVGKKFEKDTGIKVTVEHPDKLEEKFPQVAATGDGPDIIFWAHDRFGGYAQSGLLAEI
TPDKAFQDKLYPFTWDAVRYNGKLIAYPIAVEALSLIYNKDLLPNPPKTWEEIPALDKGLKAKGKSALMFNLQEPYFTWP
LIAADGGYAFKYENGKYDIKDVGVDNAGAKAGLTFLVDLIKNKHMNADTDYSIAEAAFNKGETAMTINGPWAWSNIDTSK
VNYGVTVLPTFKGQPSKPFVGVLSAGINAASPNKELAKEFLENYLLTDEGLEAVNKDKPLGAVALKSYEEELVKDPRIAA
TMENAQKGEIMPNIPQMSAFWYAVRTAVINAASGRQTVDEALKDAQTVPHM
;
A
2 'polypeptide(L)'
;MELFRGVLQVSSNVLDCANDNWWCSLLDLDTSDWEPLTHTNRLMAIYLSSVASKLDLTGGPLAGCLYFFQVECNKFEEGY
HIHVVIGGPGLNPRNLTVCVEGLFNNVLYHFVTENVKLKFLPGMTTKGKYFRDGEQFIENYLMKKIPLNVVWCVTNIDGY
IDTCISATFRR
;
B
#
loop_
_chem_comp.id
_chem_comp.type
_chem_comp.name
_chem_comp.formula
GLC D-saccharide, alpha linking alpha-D-glucopyranose 'C6 H12 O6'
ZN non-polymer 'ZINC ION' 'Zn 2'
#
# COMPACT_ATOMS: atom_id res chain seq x y z
N LYS A 2 5.71 -24.55 -3.55
CA LYS A 2 6.84 -24.82 -2.64
C LYS A 2 8.19 -24.60 -3.35
N ILE A 3 9.19 -24.08 -2.62
CA ILE A 3 10.52 -23.87 -3.19
C ILE A 3 11.30 -25.19 -3.16
N GLU A 4 12.07 -25.45 -4.22
CA GLU A 4 12.99 -26.60 -4.25
C GLU A 4 14.31 -26.24 -4.90
N GLU A 5 15.41 -26.77 -4.34
CA GLU A 5 16.73 -26.63 -4.97
C GLU A 5 16.70 -27.24 -6.37
N GLY A 6 17.20 -26.49 -7.34
CA GLY A 6 17.20 -26.92 -8.73
C GLY A 6 15.95 -26.58 -9.51
N LYS A 7 15.01 -25.83 -8.94
CA LYS A 7 13.85 -25.33 -9.65
C LYS A 7 13.59 -23.88 -9.24
N LEU A 8 13.03 -23.11 -10.18
CA LEU A 8 12.69 -21.70 -9.98
C LEU A 8 11.18 -21.54 -9.91
N VAL A 9 10.71 -20.82 -8.90
CA VAL A 9 9.30 -20.46 -8.76
C VAL A 9 9.18 -18.95 -8.77
N ILE A 10 8.39 -18.40 -9.71
CA ILE A 10 8.31 -16.97 -9.96
C ILE A 10 6.87 -16.48 -9.76
N TRP A 11 6.67 -15.56 -8.81
CA TRP A 11 5.39 -14.87 -8.64
C TRP A 11 5.35 -13.57 -9.44
N ILE A 12 4.19 -13.25 -9.99
CA ILE A 12 4.01 -12.06 -10.81
C ILE A 12 2.52 -11.81 -10.92
N ASN A 13 2.12 -10.54 -10.89
CA ASN A 13 0.71 -10.23 -10.74
C ASN A 13 -0.08 -10.67 -11.98
N GLY A 14 -1.40 -10.74 -11.82
CA GLY A 14 -2.26 -11.35 -12.82
C GLY A 14 -2.54 -10.50 -14.06
N ASP A 15 -2.31 -9.20 -14.00
CA ASP A 15 -2.56 -8.35 -15.15
C ASP A 15 -1.39 -8.28 -16.14
N LYS A 16 -0.22 -8.87 -15.80
CA LYS A 16 0.97 -8.81 -16.63
C LYS A 16 1.17 -10.12 -17.40
N GLY A 17 2.19 -10.11 -18.27
CA GLY A 17 2.38 -11.18 -19.22
C GLY A 17 3.10 -12.39 -18.66
N TYR A 18 2.48 -13.05 -17.67
CA TYR A 18 3.10 -14.19 -17.01
C TYR A 18 3.37 -15.34 -17.98
N ASN A 19 2.51 -15.53 -18.98
CA ASN A 19 2.74 -16.57 -19.96
C ASN A 19 4.03 -16.31 -20.74
N GLY A 20 4.22 -15.07 -21.21
CA GLY A 20 5.42 -14.72 -21.94
C GLY A 20 6.69 -14.89 -21.12
N LEU A 21 6.61 -14.61 -19.82
CA LEU A 21 7.72 -14.92 -18.93
C LEU A 21 7.97 -16.42 -18.89
N ALA A 22 6.89 -17.21 -18.79
CA ALA A 22 7.01 -18.66 -18.79
C ALA A 22 7.76 -19.16 -20.03
N GLU A 23 7.49 -18.56 -21.18
CA GLU A 23 8.26 -18.85 -22.39
C GLU A 23 9.75 -18.57 -22.18
N VAL A 24 10.09 -17.56 -21.35
CA VAL A 24 11.50 -17.30 -21.03
C VAL A 24 12.04 -18.39 -20.10
N GLY A 25 11.20 -18.87 -19.18
CA GLY A 25 11.62 -19.96 -18.33
C GLY A 25 11.78 -21.27 -19.06
N LYS A 26 11.01 -21.47 -20.13
CA LYS A 26 11.20 -22.70 -20.89
C LYS A 26 12.50 -22.64 -21.67
N LYS A 27 12.87 -21.46 -22.18
CA LYS A 27 14.17 -21.34 -22.82
C LYS A 27 15.26 -21.60 -21.82
N PHE A 28 15.04 -21.19 -20.57
CA PHE A 28 16.02 -21.41 -19.51
C PHE A 28 16.12 -22.89 -19.16
N GLU A 29 14.98 -23.52 -18.85
CA GLU A 29 14.92 -24.97 -18.69
C GLU A 29 15.66 -25.68 -19.79
N LYS A 30 15.47 -25.24 -21.04
CA LYS A 30 16.14 -25.86 -22.17
C LYS A 30 17.65 -25.84 -21.96
N ASP A 31 18.23 -24.65 -21.74
CA ASP A 31 19.68 -24.48 -21.78
C ASP A 31 20.39 -25.03 -20.54
N THR A 32 19.66 -25.28 -19.44
CA THR A 32 20.29 -25.62 -18.17
C THR A 32 19.72 -26.89 -17.51
N GLY A 33 18.53 -27.34 -17.91
CA GLY A 33 17.87 -28.45 -17.26
C GLY A 33 17.06 -28.08 -16.04
N ILE A 34 16.82 -26.78 -15.82
CA ILE A 34 16.15 -26.29 -14.61
C ILE A 34 14.73 -25.88 -15.00
N LYS A 35 13.72 -26.49 -14.39
CA LYS A 35 12.35 -26.15 -14.73
C LYS A 35 11.96 -24.83 -14.06
N VAL A 36 11.38 -23.93 -14.85
CA VAL A 36 10.82 -22.68 -14.34
C VAL A 36 9.31 -22.78 -14.36
N THR A 37 8.69 -22.29 -13.28
CA THR A 37 7.24 -22.26 -13.12
C THR A 37 6.87 -20.85 -12.68
N VAL A 38 5.79 -20.30 -13.26
CA VAL A 38 5.39 -18.89 -13.12
C VAL A 38 3.94 -18.84 -12.65
N GLU A 39 3.70 -18.22 -11.48
CA GLU A 39 2.43 -18.28 -10.75
C GLU A 39 1.92 -16.88 -10.38
N HIS A 40 0.63 -16.62 -10.57
CA HIS A 40 0.04 -15.29 -10.39
C HIS A 40 -1.04 -15.30 -9.32
N PRO A 41 -0.66 -15.38 -8.05
CA PRO A 41 -1.66 -15.41 -6.98
C PRO A 41 -2.25 -14.03 -6.74
N ASP A 42 -3.38 -14.03 -6.05
CA ASP A 42 -3.95 -12.75 -5.62
C ASP A 42 -3.15 -12.15 -4.47
N LYS A 43 -3.18 -10.83 -4.42
CA LYS A 43 -2.64 -10.03 -3.33
C LYS A 43 -1.18 -10.33 -3.07
N LEU A 44 -0.45 -10.77 -4.10
CA LEU A 44 0.89 -11.28 -3.85
C LEU A 44 1.83 -10.24 -3.22
N GLU A 45 1.48 -8.95 -3.24
CA GLU A 45 2.34 -8.01 -2.54
C GLU A 45 2.12 -8.01 -1.03
N GLU A 46 1.04 -8.64 -0.58
CA GLU A 46 0.83 -8.93 0.83
C GLU A 46 1.08 -10.39 1.19
N LYS A 47 0.97 -11.30 0.22
CA LYS A 47 1.21 -12.71 0.49
C LYS A 47 2.70 -12.98 0.69
N PHE A 48 3.55 -12.39 -0.15
CA PHE A 48 5.00 -12.58 -0.02
C PHE A 48 5.55 -12.23 1.36
N PRO A 49 5.31 -11.05 1.96
CA PRO A 49 5.86 -10.79 3.31
C PRO A 49 5.36 -11.76 4.40
N GLN A 50 4.17 -12.37 4.20
CA GLN A 50 3.56 -13.24 5.20
C GLN A 50 4.20 -14.64 5.21
N VAL A 51 4.71 -15.10 4.05
CA VAL A 51 5.17 -16.48 3.91
C VAL A 51 6.61 -16.58 3.44
N ALA A 52 7.29 -15.46 3.18
CA ALA A 52 8.63 -15.56 2.60
C ALA A 52 9.61 -16.16 3.57
N ALA A 53 9.62 -15.68 4.82
CA ALA A 53 10.59 -16.18 5.80
C ALA A 53 10.37 -17.66 6.08
N THR A 54 9.16 -18.04 6.50
CA THR A 54 8.94 -19.35 7.07
C THR A 54 8.12 -20.28 6.19
N GLY A 55 7.26 -19.72 5.36
CA GLY A 55 6.36 -20.51 4.55
C GLY A 55 6.95 -20.85 3.21
N ASP A 56 6.05 -20.99 2.24
CA ASP A 56 6.42 -21.23 0.85
C ASP A 56 6.37 -19.89 0.12
N GLY A 57 7.50 -19.16 0.16
CA GLY A 57 7.71 -18.07 -0.74
C GLY A 57 8.18 -18.57 -2.08
N PRO A 58 8.17 -17.68 -3.07
CA PRO A 58 8.72 -18.02 -4.39
C PRO A 58 10.20 -17.68 -4.46
N ASP A 59 10.84 -18.16 -5.52
CA ASP A 59 12.26 -17.88 -5.69
C ASP A 59 12.48 -16.42 -6.11
N ILE A 60 11.69 -15.93 -7.07
CA ILE A 60 11.77 -14.57 -7.62
C ILE A 60 10.39 -13.90 -7.55
N ILE A 61 10.34 -12.64 -7.08
CA ILE A 61 9.08 -11.94 -6.93
C ILE A 61 9.09 -10.64 -7.72
N PHE A 62 8.01 -10.40 -8.47
CA PHE A 62 7.79 -9.26 -9.38
C PHE A 62 6.70 -8.35 -8.85
N TRP A 63 7.01 -7.05 -8.76
CA TRP A 63 6.07 -6.00 -8.36
C TRP A 63 6.73 -4.65 -8.63
N ALA A 64 5.94 -3.60 -8.45
CA ALA A 64 6.49 -2.25 -8.53
C ALA A 64 7.48 -2.03 -7.39
N HIS A 65 8.46 -1.16 -7.64
CA HIS A 65 9.59 -0.99 -6.75
C HIS A 65 9.22 -0.36 -5.42
N ASP A 66 7.96 -0.02 -5.17
CA ASP A 66 7.66 0.70 -3.94
C ASP A 66 7.62 -0.24 -2.72
N ARG A 67 7.30 -1.53 -2.93
CA ARG A 67 7.11 -2.48 -1.85
C ARG A 67 8.40 -3.07 -1.31
N PHE A 68 9.50 -2.95 -2.06
CA PHE A 68 10.73 -3.66 -1.73
C PHE A 68 11.44 -3.07 -0.52
N GLY A 69 11.32 -1.76 -0.30
CA GLY A 69 11.92 -1.17 0.89
C GLY A 69 11.42 -1.81 2.16
N GLY A 70 10.12 -2.17 2.21
CA GLY A 70 9.61 -2.93 3.34
C GLY A 70 10.25 -4.31 3.42
N TYR A 71 10.22 -5.05 2.31
CA TYR A 71 10.79 -6.38 2.28
C TYR A 71 12.24 -6.37 2.75
N ALA A 72 13.07 -5.50 2.16
CA ALA A 72 14.48 -5.48 2.50
C ALA A 72 14.73 -5.00 3.94
N GLN A 73 13.79 -4.26 4.52
CA GLN A 73 13.89 -3.88 5.93
C GLN A 73 13.63 -5.08 6.84
N SER A 74 12.59 -5.86 6.53
CA SER A 74 12.30 -7.11 7.20
C SER A 74 13.24 -8.23 6.76
N GLY A 75 14.19 -7.92 5.87
CA GLY A 75 15.24 -8.85 5.47
C GLY A 75 14.76 -10.10 4.79
N LEU A 76 13.66 -10.01 4.04
CA LEU A 76 13.10 -11.15 3.34
C LEU A 76 13.78 -11.35 2.00
N LEU A 77 14.77 -10.51 1.69
CA LEU A 77 15.32 -10.37 0.36
C LEU A 77 16.82 -10.61 0.36
N ALA A 78 17.28 -11.41 -0.60
CA ALA A 78 18.71 -11.61 -0.82
C ALA A 78 19.32 -10.41 -1.54
N GLU A 79 20.60 -10.16 -1.26
CA GLU A 79 21.41 -9.22 -2.03
C GLU A 79 21.28 -9.54 -3.53
N ILE A 80 21.61 -8.58 -4.39
CA ILE A 80 21.80 -8.85 -5.82
C ILE A 80 23.19 -8.35 -6.21
N THR A 81 23.86 -9.05 -7.14
CA THR A 81 25.27 -8.77 -7.43
C THR A 81 25.54 -8.52 -8.92
N PRO A 82 24.81 -7.61 -9.59
CA PRO A 82 25.10 -7.37 -11.02
C PRO A 82 26.34 -6.49 -11.18
N ASP A 83 27.29 -6.95 -12.01
CA ASP A 83 28.54 -6.23 -12.20
C ASP A 83 28.34 -4.99 -13.09
N LYS A 84 29.39 -4.14 -13.12
CA LYS A 84 29.30 -2.85 -13.82
C LYS A 84 28.90 -3.03 -15.28
N ALA A 85 29.40 -4.10 -15.91
CA ALA A 85 29.12 -4.35 -17.31
C ALA A 85 27.62 -4.50 -17.55
N PHE A 86 26.94 -5.25 -16.70
CA PHE A 86 25.49 -5.40 -16.78
C PHE A 86 24.76 -4.13 -16.34
N GLN A 87 25.17 -3.56 -15.21
CA GLN A 87 24.52 -2.36 -14.71
C GLN A 87 24.38 -1.32 -15.81
N ASP A 88 25.36 -1.26 -16.72
CA ASP A 88 25.40 -0.33 -17.84
C ASP A 88 24.31 -0.58 -18.88
N LYS A 89 23.80 -1.81 -18.97
CA LYS A 89 22.80 -2.13 -19.98
C LYS A 89 21.44 -1.53 -19.65
N LEU A 90 21.26 -1.06 -18.42
CA LEU A 90 19.99 -0.58 -17.89
C LEU A 90 20.05 0.91 -17.53
N TYR A 91 18.89 1.54 -17.45
CA TYR A 91 18.90 2.99 -17.33
C TYR A 91 19.27 3.40 -15.92
N PRO A 92 20.28 4.27 -15.74
CA PRO A 92 20.52 4.90 -14.43
C PRO A 92 19.28 5.21 -13.60
N PHE A 93 18.22 5.86 -14.10
CA PHE A 93 17.16 6.14 -13.14
C PHE A 93 16.51 4.85 -12.67
N THR A 94 16.45 3.81 -13.52
CA THR A 94 15.76 2.58 -13.11
C THR A 94 16.51 1.87 -11.97
N TRP A 95 17.86 1.90 -11.95
CA TRP A 95 18.61 1.31 -10.83
C TRP A 95 18.45 2.09 -9.53
N ASP A 96 18.12 3.39 -9.64
CA ASP A 96 17.84 4.26 -8.50
C ASP A 96 16.57 3.87 -7.75
N ALA A 97 15.55 3.41 -8.48
CA ALA A 97 14.25 3.06 -7.88
C ALA A 97 14.33 1.81 -7.02
N VAL A 98 15.36 0.98 -7.25
CA VAL A 98 15.60 -0.27 -6.56
C VAL A 98 16.82 -0.18 -5.64
N ARG A 99 17.35 1.02 -5.39
CA ARG A 99 18.47 1.20 -4.47
C ARG A 99 17.96 1.66 -3.10
N TYR A 100 18.26 0.88 -2.07
CA TYR A 100 17.77 1.14 -0.72
C TYR A 100 18.91 0.99 0.28
N ASN A 101 19.23 2.09 0.98
CA ASN A 101 20.30 2.17 1.97
C ASN A 101 21.65 1.79 1.38
N GLY A 102 21.92 2.28 0.17
CA GLY A 102 23.16 2.05 -0.51
C GLY A 102 23.17 0.84 -1.40
N LYS A 103 22.24 -0.10 -1.20
CA LYS A 103 22.29 -1.42 -1.80
C LYS A 103 21.17 -1.61 -2.80
N LEU A 104 21.51 -2.12 -3.99
CA LEU A 104 20.49 -2.53 -4.96
C LEU A 104 19.73 -3.73 -4.41
N ILE A 105 18.40 -3.64 -4.37
CA ILE A 105 17.65 -4.67 -3.68
C ILE A 105 16.69 -5.40 -4.60
N ALA A 106 16.86 -5.26 -5.90
CA ALA A 106 15.98 -5.90 -6.88
C ALA A 106 16.49 -5.60 -8.29
N TYR A 107 16.04 -6.41 -9.23
CA TYR A 107 16.35 -6.13 -10.61
C TYR A 107 15.25 -5.28 -11.23
N PRO A 108 15.56 -4.04 -11.62
CA PRO A 108 14.58 -3.25 -12.38
C PRO A 108 14.18 -3.98 -13.66
N ILE A 109 12.97 -3.72 -14.13
CA ILE A 109 12.49 -4.34 -15.37
C ILE A 109 11.91 -3.30 -16.33
N ALA A 110 10.89 -2.56 -15.90
CA ALA A 110 10.31 -1.59 -16.82
C ALA A 110 9.62 -0.47 -16.05
N VAL A 111 9.33 0.63 -16.77
CA VAL A 111 8.72 1.83 -16.18
C VAL A 111 7.23 1.80 -16.51
N GLU A 112 6.40 1.99 -15.50
CA GLU A 112 4.95 2.01 -15.63
C GLU A 112 4.42 3.35 -15.17
N ALA A 113 3.39 3.82 -15.89
CA ALA A 113 2.64 5.02 -15.58
C ALA A 113 1.28 4.91 -16.25
N LEU A 114 0.23 5.18 -15.47
CA LEU A 114 -1.11 5.32 -16.02
C LEU A 114 -1.10 6.36 -17.12
N SER A 115 -1.97 6.18 -18.09
CA SER A 115 -2.27 7.19 -19.11
C SER A 115 -3.79 7.30 -19.24
N LEU A 116 -4.21 8.14 -20.17
CA LEU A 116 -5.62 8.21 -20.56
C LEU A 116 -5.78 7.39 -21.84
N ILE A 117 -6.71 6.44 -21.81
CA ILE A 117 -7.01 5.57 -22.94
C ILE A 117 -8.43 5.88 -23.39
N TYR A 118 -8.58 6.36 -24.61
CA TYR A 118 -9.87 6.81 -25.11
C TYR A 118 -10.27 6.04 -26.35
N ASN A 119 -11.57 6.01 -26.59
CA ASN A 119 -12.14 5.32 -27.74
C ASN A 119 -12.33 6.37 -28.83
N LYS A 120 -11.46 6.33 -29.85
CA LYS A 120 -11.43 7.38 -30.87
C LYS A 120 -12.78 7.55 -31.59
N ASP A 121 -13.47 6.42 -31.81
CA ASP A 121 -14.80 6.47 -32.44
C ASP A 121 -15.76 7.29 -31.60
N LEU A 122 -15.86 6.96 -30.30
CA LEU A 122 -16.78 7.65 -29.42
C LEU A 122 -16.25 9.02 -28.97
N LEU A 123 -14.96 9.26 -29.10
CA LEU A 123 -14.42 10.55 -28.66
C LEU A 123 -13.19 10.87 -29.48
N PRO A 124 -13.36 11.66 -30.54
CA PRO A 124 -12.22 11.92 -31.45
C PRO A 124 -11.19 12.87 -30.86
N ASN A 125 -11.62 13.79 -30.02
CA ASN A 125 -10.74 14.75 -29.34
C ASN A 125 -10.91 14.54 -27.86
N PRO A 126 -10.04 13.75 -27.21
CA PRO A 126 -10.23 13.46 -25.80
C PRO A 126 -9.99 14.69 -24.94
N PRO A 127 -10.73 14.82 -23.83
CA PRO A 127 -10.64 16.07 -23.04
C PRO A 127 -9.23 16.29 -22.53
N LYS A 128 -8.78 17.54 -22.62
CA LYS A 128 -7.47 17.89 -22.08
C LYS A 128 -7.53 18.19 -20.59
N THR A 129 -8.71 18.51 -20.05
CA THR A 129 -8.90 18.91 -18.65
C THR A 129 -9.94 18.04 -17.96
N TRP A 130 -9.77 17.83 -16.64
CA TRP A 130 -10.76 17.05 -15.89
C TRP A 130 -12.09 17.76 -15.84
N GLU A 131 -12.08 19.09 -15.71
CA GLU A 131 -13.30 19.81 -15.45
C GLU A 131 -14.29 19.71 -16.62
N GLU A 132 -13.79 19.50 -17.85
CA GLU A 132 -14.63 19.23 -19.02
C GLU A 132 -15.38 17.90 -18.97
N ILE A 133 -15.01 16.99 -18.06
CA ILE A 133 -15.53 15.62 -18.08
C ILE A 133 -17.01 15.58 -17.69
N PRO A 134 -17.50 16.30 -16.64
CA PRO A 134 -18.94 16.28 -16.36
C PRO A 134 -19.78 16.63 -17.58
N ALA A 135 -19.50 17.78 -18.22
CA ALA A 135 -20.24 18.15 -19.43
C ALA A 135 -20.15 17.06 -20.51
N LEU A 136 -18.98 16.42 -20.65
CA LEU A 136 -18.82 15.36 -21.65
C LEU A 136 -19.55 14.07 -21.25
N ASP A 137 -19.78 13.85 -19.96
CA ASP A 137 -20.52 12.65 -19.57
C ASP A 137 -22.02 12.82 -19.81
N LYS A 138 -22.52 14.05 -19.67
CA LYS A 138 -23.94 14.31 -19.92
C LYS A 138 -24.25 14.24 -21.41
N GLY A 139 -23.37 14.77 -22.26
CA GLY A 139 -23.52 14.64 -23.70
C GLY A 139 -23.31 13.23 -24.22
N LEU A 140 -22.73 12.35 -23.39
CA LEU A 140 -22.53 10.93 -23.71
C LEU A 140 -23.54 10.01 -23.04
N LYS A 141 -24.13 10.41 -21.91
CA LYS A 141 -25.26 9.65 -21.36
C LYS A 141 -26.46 9.74 -22.29
N ALA A 142 -26.60 10.87 -23.01
CA ALA A 142 -27.66 11.01 -24.02
C ALA A 142 -27.55 9.92 -25.08
N LYS A 143 -26.32 9.60 -25.52
CA LYS A 143 -26.11 8.64 -26.59
C LYS A 143 -26.13 7.18 -26.13
N GLY A 144 -26.29 6.94 -24.83
CA GLY A 144 -26.32 5.60 -24.28
C GLY A 144 -25.02 5.12 -23.68
N LYS A 145 -24.11 6.03 -23.33
CA LYS A 145 -22.75 5.67 -22.95
C LYS A 145 -22.41 6.41 -21.66
N SER A 146 -21.12 6.56 -21.39
CA SER A 146 -20.62 7.30 -20.22
C SER A 146 -19.21 7.77 -20.53
N ALA A 147 -18.87 8.95 -20.02
CA ALA A 147 -17.60 9.58 -20.40
C ALA A 147 -16.42 8.74 -19.96
N LEU A 148 -16.40 8.37 -18.69
CA LEU A 148 -15.20 7.81 -18.09
C LEU A 148 -15.57 6.77 -17.04
N MET A 149 -14.81 5.69 -17.03
CA MET A 149 -14.87 4.69 -15.97
C MET A 149 -13.47 4.13 -15.78
N PHE A 150 -12.99 4.16 -14.53
CA PHE A 150 -11.71 3.55 -14.18
C PHE A 150 -11.83 3.02 -12.77
N ASN A 151 -10.79 2.27 -12.34
CA ASN A 151 -10.80 1.53 -11.07
C ASN A 151 -10.66 2.47 -9.89
N LEU A 152 -11.71 2.52 -9.06
CA LEU A 152 -11.76 3.46 -7.95
C LEU A 152 -11.41 2.82 -6.62
N GLN A 153 -11.17 1.48 -6.59
CA GLN A 153 -10.81 0.79 -5.35
C GLN A 153 -9.33 0.98 -5.01
N GLU A 154 -8.43 0.82 -5.99
CA GLU A 154 -7.00 0.92 -5.75
C GLU A 154 -6.54 2.37 -5.84
N PRO A 155 -5.99 2.98 -4.77
CA PRO A 155 -5.60 4.39 -4.85
C PRO A 155 -4.57 4.70 -5.96
N TYR A 156 -3.97 3.69 -6.58
CA TYR A 156 -3.06 3.93 -7.70
C TYR A 156 -3.70 4.78 -8.77
N PHE A 157 -4.98 4.51 -9.05
CA PHE A 157 -5.67 5.16 -10.15
C PHE A 157 -6.12 6.56 -9.75
N THR A 158 -6.64 6.70 -8.54
CA THR A 158 -7.18 7.99 -8.12
C THR A 158 -6.08 9.02 -7.92
N TRP A 159 -4.96 8.62 -7.29
CA TRP A 159 -3.87 9.53 -6.94
C TRP A 159 -3.54 10.57 -8.00
N PRO A 160 -3.35 10.24 -9.29
CA PRO A 160 -2.95 11.31 -10.24
C PRO A 160 -3.79 12.58 -10.12
N LEU A 161 -5.11 12.44 -9.97
CA LEU A 161 -5.97 13.61 -9.76
C LEU A 161 -5.70 14.27 -8.40
N ILE A 162 -5.31 13.48 -7.40
CA ILE A 162 -5.18 13.96 -6.03
C ILE A 162 -3.87 14.72 -5.81
N ALA A 163 -2.82 14.32 -6.52
CA ALA A 163 -1.55 15.04 -6.46
C ALA A 163 -1.49 16.19 -7.44
N ALA A 164 -2.48 16.30 -8.34
CA ALA A 164 -2.43 17.30 -9.40
C ALA A 164 -2.32 18.72 -8.83
N ASP A 165 -3.25 19.10 -7.93
CA ASP A 165 -3.23 20.44 -7.33
C ASP A 165 -2.39 20.54 -6.06
N GLY A 166 -1.66 19.50 -5.69
CA GLY A 166 -0.63 19.70 -4.67
C GLY A 166 -0.45 18.62 -3.63
N GLY A 167 -1.31 17.60 -3.70
CA GLY A 167 -1.10 16.44 -2.87
C GLY A 167 0.22 15.76 -3.19
N TYR A 168 0.75 15.09 -2.17
CA TYR A 168 2.00 14.35 -2.25
C TYR A 168 2.03 13.40 -1.06
N ALA A 169 3.00 12.48 -1.07
CA ALA A 169 3.13 11.44 -0.04
C ALA A 169 4.05 11.87 1.11
N PHE A 170 5.35 11.91 0.84
CA PHE A 170 6.34 12.39 1.79
C PHE A 170 7.17 13.46 1.10
N LYS A 171 7.45 14.55 1.86
CA LYS A 171 8.24 15.68 1.36
C LYS A 171 9.68 15.26 1.04
N TYR A 172 10.02 15.27 -0.24
CA TYR A 172 11.31 14.83 -0.75
C TYR A 172 12.26 16.02 -0.69
N GLU A 173 13.24 15.97 0.20
CA GLU A 173 14.12 17.11 0.37
C GLU A 173 15.53 16.64 0.71
N ASN A 174 16.49 17.06 -0.14
CA ASN A 174 17.91 16.72 -0.02
C ASN A 174 18.14 15.21 -0.23
N GLY A 175 17.54 14.67 -1.30
CA GLY A 175 17.69 13.26 -1.62
C GLY A 175 17.00 12.29 -0.67
N LYS A 176 16.39 12.81 0.39
CA LYS A 176 15.82 12.02 1.48
C LYS A 176 14.33 12.34 1.64
N TYR A 177 13.52 11.29 1.74
CA TYR A 177 12.11 11.47 2.04
C TYR A 177 11.92 11.62 3.55
N ASP A 178 11.26 12.71 3.93
CA ASP A 178 10.96 13.04 5.31
C ASP A 178 9.63 12.40 5.68
N ILE A 179 9.66 11.35 6.50
CA ILE A 179 8.42 10.66 6.81
C ILE A 179 7.59 11.42 7.83
N LYS A 180 8.16 12.50 8.39
CA LYS A 180 7.39 13.38 9.25
C LYS A 180 6.43 14.28 8.49
N ASP A 181 6.60 14.41 7.16
CA ASP A 181 5.94 15.44 6.34
C ASP A 181 5.08 14.79 5.27
N VAL A 182 3.87 14.42 5.65
CA VAL A 182 2.88 13.93 4.69
C VAL A 182 2.10 15.10 4.13
N GLY A 183 1.72 15.01 2.85
CA GLY A 183 0.86 16.01 2.25
C GLY A 183 -0.33 15.39 1.56
N VAL A 184 -1.10 14.61 2.30
CA VAL A 184 -2.39 14.11 1.81
C VAL A 184 -3.54 14.97 2.32
N ASP A 185 -3.28 15.93 3.20
CA ASP A 185 -4.35 16.76 3.75
C ASP A 185 -4.17 18.23 3.40
N ASN A 186 -3.30 18.57 2.44
CA ASN A 186 -3.17 19.98 2.09
C ASN A 186 -4.37 20.39 1.24
N ALA A 187 -4.41 21.68 0.89
CA ALA A 187 -5.50 22.17 0.07
C ALA A 187 -5.57 21.46 -1.27
N GLY A 188 -4.40 21.21 -1.89
CA GLY A 188 -4.38 20.71 -3.26
C GLY A 188 -4.83 19.27 -3.39
N ALA A 189 -4.54 18.45 -2.36
CA ALA A 189 -5.09 17.11 -2.31
C ALA A 189 -6.60 17.15 -2.06
N LYS A 190 -7.03 17.90 -1.04
CA LYS A 190 -8.46 18.03 -0.74
C LYS A 190 -9.24 18.40 -2.00
N ALA A 191 -8.69 19.29 -2.81
CA ALA A 191 -9.35 19.65 -4.05
C ALA A 191 -9.37 18.47 -5.03
N GLY A 192 -8.24 17.77 -5.17
CA GLY A 192 -8.22 16.64 -6.10
C GLY A 192 -9.31 15.63 -5.81
N LEU A 193 -9.52 15.34 -4.54
CA LEU A 193 -10.44 14.26 -4.14
C LEU A 193 -11.87 14.74 -4.13
N THR A 194 -12.09 15.99 -3.72
CA THR A 194 -13.43 16.58 -3.79
C THR A 194 -13.98 16.50 -5.21
N PHE A 195 -13.13 16.75 -6.20
CA PHE A 195 -13.55 16.60 -7.59
C PHE A 195 -13.94 15.16 -7.91
N LEU A 196 -13.27 14.19 -7.28
CA LEU A 196 -13.52 12.80 -7.61
C LEU A 196 -14.82 12.32 -7.01
N VAL A 197 -15.08 12.72 -5.75
CA VAL A 197 -16.32 12.37 -5.07
C VAL A 197 -17.51 13.01 -5.79
N ASP A 198 -17.36 14.27 -6.21
CA ASP A 198 -18.46 14.95 -6.88
C ASP A 198 -18.81 14.30 -8.21
N LEU A 199 -17.82 13.78 -8.94
CA LEU A 199 -18.11 12.95 -10.11
C LEU A 199 -18.95 11.72 -9.78
N ILE A 200 -18.97 11.30 -8.53
CA ILE A 200 -19.76 10.13 -8.16
C ILE A 200 -21.14 10.56 -7.67
N LYS A 201 -21.18 11.68 -6.93
CA LYS A 201 -22.46 12.25 -6.54
C LYS A 201 -23.30 12.59 -7.77
N ASN A 202 -22.69 13.26 -8.75
CA ASN A 202 -23.38 13.62 -9.98
C ASN A 202 -23.49 12.47 -10.96
N LYS A 203 -23.47 11.23 -10.47
CA LYS A 203 -23.75 10.02 -11.25
C LYS A 203 -22.85 9.85 -12.48
N HIS A 204 -21.78 10.65 -12.59
CA HIS A 204 -20.89 10.54 -13.76
C HIS A 204 -19.97 9.33 -13.66
N MET A 205 -19.66 8.89 -12.44
CA MET A 205 -19.00 7.63 -12.15
C MET A 205 -19.69 7.01 -10.94
N ASN A 206 -19.50 5.72 -10.77
CA ASN A 206 -20.11 5.02 -9.67
C ASN A 206 -19.02 4.51 -8.75
N ALA A 207 -19.16 4.80 -7.46
CA ALA A 207 -18.09 4.52 -6.50
C ALA A 207 -17.69 3.05 -6.52
N ASP A 208 -18.61 2.15 -6.88
CA ASP A 208 -18.35 0.71 -6.91
C ASP A 208 -17.51 0.22 -8.08
N THR A 209 -17.15 1.09 -9.04
CA THR A 209 -16.42 0.59 -10.21
C THR A 209 -15.04 0.06 -9.79
N ASP A 210 -14.69 -1.12 -10.29
CA ASP A 210 -13.35 -1.63 -10.02
C ASP A 210 -12.62 -1.95 -11.32
N TYR A 211 -11.45 -2.57 -11.19
CA TYR A 211 -10.63 -2.89 -12.36
C TYR A 211 -11.41 -3.74 -13.36
N SER A 212 -12.11 -4.76 -12.86
CA SER A 212 -12.79 -5.71 -13.74
C SER A 212 -13.95 -5.04 -14.49
N ILE A 213 -14.65 -4.11 -13.83
CA ILE A 213 -15.85 -3.49 -14.38
C ILE A 213 -15.51 -2.46 -15.45
N ALA A 214 -14.48 -1.65 -15.20
CA ALA A 214 -14.10 -0.61 -16.15
C ALA A 214 -13.35 -1.19 -17.34
N GLU A 215 -12.52 -2.22 -17.15
CA GLU A 215 -11.92 -2.88 -18.31
C GLU A 215 -12.99 -3.49 -19.22
N ALA A 216 -14.14 -3.89 -18.66
CA ALA A 216 -15.20 -4.46 -19.47
C ALA A 216 -16.01 -3.37 -20.16
N ALA A 217 -16.27 -2.26 -19.46
CA ALA A 217 -16.99 -1.15 -20.07
C ALA A 217 -16.22 -0.58 -21.25
N PHE A 218 -14.88 -0.44 -21.12
CA PHE A 218 -14.09 0.16 -22.19
C PHE A 218 -13.81 -0.84 -23.32
N ASN A 219 -13.53 -2.10 -22.98
CA ASN A 219 -13.26 -3.09 -24.00
C ASN A 219 -14.52 -3.48 -24.78
N LYS A 220 -15.72 -3.16 -24.26
CA LYS A 220 -16.98 -3.37 -24.95
C LYS A 220 -17.56 -2.10 -25.60
N GLY A 221 -17.01 -0.93 -25.30
CA GLY A 221 -17.48 0.32 -25.89
C GLY A 221 -18.63 1.04 -25.18
N GLU A 222 -18.88 0.74 -23.90
CA GLU A 222 -19.92 1.40 -23.11
C GLU A 222 -19.44 2.66 -22.41
N THR A 223 -18.14 2.94 -22.52
CA THR A 223 -17.54 4.19 -22.04
C THR A 223 -16.40 4.57 -22.98
N ALA A 224 -16.20 5.88 -23.09
CA ALA A 224 -15.29 6.44 -24.09
C ALA A 224 -13.84 6.49 -23.60
N MET A 225 -13.67 6.49 -22.27
CA MET A 225 -12.35 6.68 -21.66
C MET A 225 -12.22 5.81 -20.43
N THR A 226 -10.98 5.37 -20.19
CA THR A 226 -10.56 4.72 -18.94
C THR A 226 -9.17 5.24 -18.59
N ILE A 227 -8.68 4.84 -17.42
CA ILE A 227 -7.32 5.12 -16.96
C ILE A 227 -6.64 3.80 -16.62
N ASN A 228 -5.46 3.57 -17.21
CA ASN A 228 -4.81 2.26 -17.06
C ASN A 228 -3.36 2.33 -17.52
N GLY A 229 -2.62 1.28 -17.20
CA GLY A 229 -1.23 1.19 -17.59
C GLY A 229 -1.04 0.29 -18.79
N PRO A 230 0.24 0.05 -19.16
CA PRO A 230 0.54 -0.65 -20.42
C PRO A 230 0.04 -2.08 -20.50
N TRP A 231 0.02 -2.79 -19.36
CA TRP A 231 -0.46 -4.16 -19.32
C TRP A 231 -1.86 -4.33 -19.95
N ALA A 232 -2.63 -3.24 -20.04
CA ALA A 232 -4.04 -3.28 -20.40
C ALA A 232 -4.29 -3.29 -21.91
N TRP A 233 -3.25 -3.08 -22.71
CA TRP A 233 -3.43 -2.87 -24.14
C TRP A 233 -3.65 -4.17 -24.92
N SER A 234 -3.16 -5.31 -24.39
CA SER A 234 -3.36 -6.59 -25.06
C SER A 234 -4.84 -6.94 -25.19
N ASN A 235 -5.60 -6.70 -24.14
CA ASN A 235 -7.01 -7.06 -24.13
C ASN A 235 -7.86 -6.04 -24.88
N ILE A 236 -7.38 -4.80 -24.98
CA ILE A 236 -8.02 -3.81 -25.83
C ILE A 236 -7.76 -4.12 -27.30
N ASP A 237 -6.55 -4.57 -27.61
CA ASP A 237 -6.27 -5.02 -28.97
C ASP A 237 -7.19 -6.16 -29.38
N THR A 238 -7.38 -7.13 -28.49
CA THR A 238 -8.27 -8.25 -28.78
C THR A 238 -9.71 -7.77 -29.02
N SER A 239 -10.17 -6.76 -28.27
CA SER A 239 -11.53 -6.26 -28.38
C SER A 239 -11.76 -5.36 -29.59
N LYS A 240 -10.72 -5.12 -30.39
CA LYS A 240 -10.75 -4.37 -31.65
C LYS A 240 -11.11 -2.90 -31.48
N VAL A 241 -11.30 -2.40 -30.25
CA VAL A 241 -11.62 -0.99 -30.07
C VAL A 241 -10.51 -0.14 -30.69
N ASN A 242 -10.90 0.81 -31.53
CA ASN A 242 -9.94 1.76 -32.06
C ASN A 242 -9.70 2.80 -30.97
N TYR A 243 -8.61 2.63 -30.24
CA TYR A 243 -8.32 3.43 -29.09
C TYR A 243 -7.06 4.26 -29.33
N GLY A 244 -6.85 5.21 -28.45
CA GLY A 244 -5.64 6.02 -28.46
C GLY A 244 -5.23 6.27 -27.02
N VAL A 245 -3.91 6.40 -26.84
CA VAL A 245 -3.28 6.58 -25.53
C VAL A 245 -2.70 7.97 -25.53
N THR A 246 -3.06 8.79 -24.53
CA THR A 246 -2.73 10.21 -24.59
C THR A 246 -2.44 10.70 -23.17
N VAL A 247 -2.04 11.98 -23.08
CA VAL A 247 -1.78 12.60 -21.79
C VAL A 247 -3.05 12.59 -20.92
N LEU A 248 -2.85 12.47 -19.61
CA LEU A 248 -3.96 12.51 -18.66
C LEU A 248 -4.54 13.91 -18.57
N PRO A 249 -5.83 14.03 -18.27
CA PRO A 249 -6.44 15.34 -18.04
C PRO A 249 -5.69 16.14 -16.98
N THR A 250 -5.57 17.44 -17.24
CA THR A 250 -5.14 18.38 -16.23
C THR A 250 -6.17 18.42 -15.11
N PHE A 251 -5.78 18.97 -13.97
CA PHE A 251 -6.78 19.43 -13.03
C PHE A 251 -6.34 20.78 -12.49
N LYS A 252 -7.28 21.72 -12.45
CA LYS A 252 -7.08 23.15 -12.17
C LYS A 252 -6.05 23.77 -13.10
N PRO A 255 -1.06 19.58 -14.50
CA PRO A 255 -1.06 18.19 -14.97
C PRO A 255 -1.34 17.18 -13.86
N SER A 256 -2.06 16.10 -14.23
CA SER A 256 -2.17 14.95 -13.35
C SER A 256 -0.84 14.23 -13.26
N LYS A 257 -0.32 14.16 -12.04
CA LYS A 257 0.92 13.50 -11.72
C LYS A 257 0.55 12.09 -11.30
N PRO A 258 0.82 11.07 -12.12
CA PRO A 258 0.71 9.70 -11.62
C PRO A 258 1.98 9.32 -10.86
N PHE A 259 1.84 8.32 -9.98
CA PHE A 259 3.05 7.76 -9.36
C PHE A 259 3.62 6.72 -10.32
N VAL A 260 4.89 6.86 -10.65
CA VAL A 260 5.56 6.00 -11.63
C VAL A 260 6.10 4.74 -10.96
N GLY A 261 5.69 3.58 -11.47
CA GLY A 261 6.19 2.31 -10.98
C GLY A 261 7.31 1.77 -11.86
N VAL A 262 8.32 1.19 -11.21
CA VAL A 262 9.33 0.39 -11.86
C VAL A 262 9.06 -1.05 -11.47
N LEU A 263 8.54 -1.84 -12.40
CA LEU A 263 8.43 -3.27 -12.19
C LEU A 263 9.81 -3.81 -11.90
N SER A 264 9.95 -4.52 -10.79
CA SER A 264 11.23 -5.08 -10.38
C SER A 264 11.09 -6.56 -10.10
N ALA A 265 12.23 -7.25 -10.06
CA ALA A 265 12.33 -8.63 -9.56
C ALA A 265 13.22 -8.61 -8.34
N GLY A 266 12.76 -9.21 -7.24
CA GLY A 266 13.60 -9.44 -6.08
C GLY A 266 13.81 -10.95 -5.88
N ILE A 267 14.73 -11.30 -4.97
CA ILE A 267 15.05 -12.71 -4.72
C ILE A 267 14.86 -13.04 -3.24
N ASN A 268 13.98 -14.01 -2.97
CA ASN A 268 13.64 -14.43 -1.60
C ASN A 268 14.92 -14.78 -0.86
N ALA A 269 15.00 -14.40 0.42
CA ALA A 269 16.14 -14.83 1.25
C ALA A 269 16.15 -16.34 1.44
N ALA A 270 14.96 -16.95 1.40
CA ALA A 270 14.72 -18.39 1.51
C ALA A 270 14.86 -19.12 0.18
N SER A 271 15.65 -18.59 -0.76
CA SER A 271 15.85 -19.45 -1.92
C SER A 271 17.23 -20.09 -1.87
N PRO A 272 17.29 -21.37 -2.25
CA PRO A 272 18.58 -22.04 -2.46
C PRO A 272 19.24 -21.71 -3.80
N ASN A 273 18.46 -21.13 -4.72
CA ASN A 273 18.82 -21.00 -6.12
C ASN A 273 19.09 -19.54 -6.46
N LYS A 274 19.65 -18.83 -5.49
CA LYS A 274 19.95 -17.40 -5.63
C LYS A 274 20.82 -17.12 -6.86
N GLU A 275 21.76 -18.03 -7.20
CA GLU A 275 22.57 -17.89 -8.40
C GLU A 275 21.86 -18.38 -9.64
N LEU A 276 20.94 -19.32 -9.51
CA LEU A 276 20.11 -19.61 -10.68
C LEU A 276 19.21 -18.41 -11.01
N ALA A 277 18.57 -17.79 -10.01
CA ALA A 277 17.74 -16.61 -10.24
C ALA A 277 18.54 -15.50 -10.95
N LYS A 278 19.67 -15.11 -10.35
CA LYS A 278 20.56 -14.13 -10.97
C LYS A 278 20.90 -14.46 -12.42
N GLU A 279 21.14 -15.74 -12.74
CA GLU A 279 21.42 -16.04 -14.16
C GLU A 279 20.20 -15.88 -15.03
N PHE A 280 19.03 -16.26 -14.50
CA PHE A 280 17.81 -16.15 -15.29
C PHE A 280 17.47 -14.70 -15.59
N LEU A 281 17.62 -13.82 -14.60
CA LEU A 281 17.25 -12.44 -14.81
C LEU A 281 18.26 -11.72 -15.70
N GLU A 282 19.55 -11.86 -15.39
CA GLU A 282 20.55 -11.11 -16.14
C GLU A 282 20.75 -11.63 -17.55
N ASN A 283 20.47 -12.92 -17.79
CA ASN A 283 20.89 -13.54 -19.04
C ASN A 283 19.77 -14.11 -19.86
N TYR A 284 18.57 -14.24 -19.32
CA TYR A 284 17.45 -14.75 -20.09
C TYR A 284 16.27 -13.79 -20.18
N LEU A 285 15.99 -13.05 -19.11
CA LEU A 285 14.84 -12.15 -19.09
C LEU A 285 15.22 -10.72 -19.47
N LEU A 286 16.28 -10.18 -18.89
CA LEU A 286 16.70 -8.82 -19.25
C LEU A 286 17.64 -8.83 -20.45
N THR A 287 17.21 -9.54 -21.48
CA THR A 287 17.79 -9.52 -22.81
C THR A 287 16.74 -9.03 -23.79
N ASP A 288 17.19 -8.69 -24.99
CA ASP A 288 16.28 -8.19 -26.02
C ASP A 288 15.17 -9.19 -26.28
N GLU A 289 15.53 -10.47 -26.48
CA GLU A 289 14.55 -11.49 -26.80
C GLU A 289 13.65 -11.80 -25.61
N GLY A 290 14.23 -11.81 -24.41
CA GLY A 290 13.48 -12.18 -23.21
C GLY A 290 12.37 -11.19 -22.91
N LEU A 291 12.75 -9.92 -22.76
CA LEU A 291 11.78 -8.84 -22.63
C LEU A 291 10.77 -8.86 -23.75
N GLU A 292 11.24 -9.03 -24.99
CA GLU A 292 10.35 -9.14 -26.13
C GLU A 292 9.27 -10.20 -25.90
N ALA A 293 9.68 -11.39 -25.45
CA ALA A 293 8.74 -12.49 -25.23
C ALA A 293 7.69 -12.12 -24.18
N VAL A 294 8.09 -11.35 -23.18
CA VAL A 294 7.15 -10.92 -22.15
C VAL A 294 6.25 -9.81 -22.67
N ASN A 295 6.85 -8.81 -23.34
CA ASN A 295 6.07 -7.69 -23.85
C ASN A 295 4.97 -8.17 -24.79
N LYS A 296 5.25 -9.20 -25.59
CA LYS A 296 4.27 -9.69 -26.56
C LYS A 296 3.03 -10.29 -25.92
N ASP A 297 3.14 -10.81 -24.70
CA ASP A 297 1.95 -11.32 -24.00
C ASP A 297 1.12 -10.16 -23.45
N LYS A 298 1.71 -9.36 -22.55
CA LYS A 298 1.15 -8.12 -22.05
C LYS A 298 2.28 -7.10 -22.05
N PRO A 299 2.08 -5.92 -22.64
CA PRO A 299 3.16 -4.94 -22.74
C PRO A 299 3.70 -4.59 -21.36
N LEU A 300 5.01 -4.36 -21.30
CA LEU A 300 5.67 -3.96 -20.06
C LEU A 300 5.73 -2.45 -19.88
N GLY A 301 5.47 -1.68 -20.95
CA GLY A 301 5.84 -0.28 -20.94
C GLY A 301 7.30 -0.09 -21.37
N ALA A 302 7.95 0.88 -20.72
CA ALA A 302 9.29 1.33 -21.10
C ALA A 302 10.35 0.51 -20.37
N VAL A 303 10.87 -0.53 -21.03
CA VAL A 303 11.76 -1.49 -20.37
C VAL A 303 13.05 -0.80 -19.90
N ALA A 304 13.58 -1.29 -18.78
CA ALA A 304 14.77 -0.70 -18.16
C ALA A 304 16.04 -1.01 -18.95
N LEU A 305 15.98 -1.97 -19.86
CA LEU A 305 17.13 -2.30 -20.71
C LEU A 305 17.17 -1.32 -21.88
N LYS A 306 18.21 -0.46 -21.90
CA LYS A 306 18.36 0.52 -22.97
C LYS A 306 18.12 -0.11 -24.34
N SER A 307 18.89 -1.15 -24.65
CA SER A 307 18.94 -1.73 -26.00
C SER A 307 17.57 -2.07 -26.55
N TYR A 308 16.61 -2.45 -25.69
CA TYR A 308 15.27 -2.75 -26.17
C TYR A 308 14.30 -1.60 -25.95
N GLU A 309 14.62 -0.66 -25.08
CA GLU A 309 13.78 0.51 -24.94
C GLU A 309 13.84 1.39 -26.19
N GLU A 310 14.96 1.32 -26.92
CA GLU A 310 15.16 2.15 -28.11
C GLU A 310 14.17 1.80 -29.21
N GLU A 311 13.68 0.56 -29.26
CA GLU A 311 12.66 0.20 -30.24
C GLU A 311 11.26 0.40 -29.69
N LEU A 312 11.04 0.15 -28.40
CA LEU A 312 9.69 0.27 -27.86
C LEU A 312 9.18 1.71 -27.90
N VAL A 313 10.08 2.70 -27.79
CA VAL A 313 9.67 4.09 -27.63
C VAL A 313 9.20 4.72 -28.94
N LYS A 314 9.54 4.10 -30.09
CA LYS A 314 8.97 4.56 -31.36
C LYS A 314 7.45 4.43 -31.38
N ASP A 315 6.89 3.51 -30.57
CA ASP A 315 5.44 3.35 -30.40
C ASP A 315 4.84 4.58 -29.76
N PRO A 316 3.96 5.30 -30.47
CA PRO A 316 3.31 6.48 -29.87
C PRO A 316 2.68 6.22 -28.51
N ARG A 317 2.20 4.99 -28.24
CA ARG A 317 1.65 4.72 -26.91
C ARG A 317 2.73 4.87 -25.85
N ILE A 318 3.96 4.38 -26.12
CA ILE A 318 5.03 4.33 -25.10
C ILE A 318 5.58 5.73 -24.81
N ALA A 319 5.52 6.62 -25.82
CA ALA A 319 5.86 8.02 -25.62
C ALA A 319 4.76 8.76 -24.86
N ALA A 320 3.50 8.35 -25.05
CA ALA A 320 2.41 8.86 -24.22
C ALA A 320 2.60 8.47 -22.76
N THR A 321 3.11 7.25 -22.51
CA THR A 321 3.29 6.78 -21.15
C THR A 321 4.49 7.48 -20.49
N MET A 322 5.62 7.59 -21.21
CA MET A 322 6.73 8.39 -20.71
C MET A 322 6.34 9.85 -20.49
N GLU A 323 5.50 10.40 -21.38
CA GLU A 323 5.00 11.77 -21.14
C GLU A 323 4.34 11.86 -19.77
N ASN A 324 3.37 11.00 -19.49
CA ASN A 324 2.70 10.98 -18.18
C ASN A 324 3.69 10.74 -17.06
N ALA A 325 4.70 9.93 -17.31
CA ALA A 325 5.67 9.66 -16.28
C ALA A 325 6.50 10.90 -15.97
N GLN A 326 6.74 11.74 -16.96
CA GLN A 326 7.62 12.88 -16.68
C GLN A 326 6.89 13.90 -15.83
N LYS A 327 5.56 13.91 -15.91
CA LYS A 327 4.73 14.80 -15.12
C LYS A 327 4.41 14.23 -13.73
N GLY A 328 4.36 12.92 -13.59
CA GLY A 328 4.29 12.31 -12.28
C GLY A 328 5.64 12.20 -11.61
N GLU A 329 5.67 11.40 -10.53
CA GLU A 329 6.84 11.23 -9.66
C GLU A 329 7.18 9.76 -9.51
N ILE A 330 8.47 9.45 -9.44
CA ILE A 330 8.86 8.08 -9.15
C ILE A 330 8.44 7.76 -7.72
N MET A 331 7.81 6.61 -7.54
CA MET A 331 7.36 6.22 -6.23
C MET A 331 8.56 6.09 -5.29
N PRO A 332 8.45 6.56 -4.05
CA PRO A 332 9.46 6.20 -3.08
C PRO A 332 9.41 4.69 -2.91
N ASN A 333 10.45 4.14 -2.32
CA ASN A 333 10.51 2.71 -2.03
C ASN A 333 10.54 2.44 -0.54
N ILE A 334 10.59 3.49 0.29
CA ILE A 334 10.85 3.28 1.71
C ILE A 334 9.74 2.43 2.33
N PRO A 335 10.00 1.71 3.43
CA PRO A 335 8.95 0.85 4.03
C PRO A 335 7.68 1.56 4.39
N GLN A 336 7.70 2.90 4.57
CA GLN A 336 6.49 3.65 4.92
C GLN A 336 5.47 3.67 3.80
N MET A 337 5.82 3.14 2.62
CA MET A 337 4.96 3.25 1.45
C MET A 337 3.75 2.33 1.53
N SER A 338 3.87 1.21 2.23
CA SER A 338 2.71 0.37 2.46
C SER A 338 1.72 1.01 3.44
N ALA A 339 2.21 1.92 4.29
CA ALA A 339 1.36 2.63 5.23
C ALA A 339 0.68 3.83 4.58
N PHE A 340 1.40 4.51 3.68
CA PHE A 340 0.76 5.46 2.76
C PHE A 340 -0.38 4.79 2.00
N TRP A 341 -0.06 3.77 1.19
CA TRP A 341 -1.07 3.11 0.37
C TRP A 341 -2.20 2.58 1.21
N TYR A 342 -1.93 2.15 2.45
CA TYR A 342 -3.06 1.81 3.32
C TYR A 342 -3.93 3.02 3.61
N ALA A 343 -3.31 4.17 3.86
CA ALA A 343 -4.06 5.33 4.34
C ALA A 343 -4.93 5.95 3.25
N VAL A 344 -4.35 6.13 2.06
CA VAL A 344 -5.11 6.76 0.99
C VAL A 344 -6.03 5.77 0.31
N ARG A 345 -5.85 4.47 0.51
CA ARG A 345 -6.86 3.56 0.00
C ARG A 345 -8.12 3.68 0.85
N THR A 346 -7.96 3.73 2.18
CA THR A 346 -9.08 3.91 3.09
C THR A 346 -9.83 5.20 2.82
N ALA A 347 -9.11 6.32 2.68
CA ALA A 347 -9.79 7.60 2.47
C ALA A 347 -10.58 7.59 1.17
N VAL A 348 -9.98 7.07 0.10
CA VAL A 348 -10.64 7.04 -1.22
C VAL A 348 -11.92 6.24 -1.18
N ILE A 349 -11.92 5.08 -0.52
CA ILE A 349 -13.13 4.27 -0.56
C ILE A 349 -14.19 4.84 0.39
N ASN A 350 -13.77 5.54 1.44
CA ASN A 350 -14.74 6.10 2.38
C ASN A 350 -15.38 7.38 1.85
N ALA A 351 -14.65 8.16 1.05
CA ALA A 351 -15.20 9.37 0.49
C ALA A 351 -16.04 9.12 -0.77
N ALA A 352 -15.74 8.06 -1.53
CA ALA A 352 -16.54 7.75 -2.71
C ALA A 352 -17.88 7.12 -2.34
N SER A 353 -17.92 6.39 -1.23
CA SER A 353 -19.08 5.65 -0.73
C SER A 353 -19.91 6.44 0.27
N GLY A 354 -19.38 7.58 0.74
CA GLY A 354 -20.10 8.48 1.61
C GLY A 354 -19.86 8.24 3.07
N ARG A 355 -19.08 7.22 3.41
CA ARG A 355 -18.88 6.87 4.81
C ARG A 355 -18.27 8.04 5.58
N GLN A 356 -17.43 8.86 4.91
CA GLN A 356 -16.79 10.03 5.51
C GLN A 356 -16.86 11.21 4.52
N THR A 357 -16.67 12.42 5.05
CA THR A 357 -16.48 13.57 4.17
C THR A 357 -15.06 13.54 3.60
N VAL A 358 -14.84 14.26 2.51
CA VAL A 358 -13.45 14.38 2.03
C VAL A 358 -12.54 14.91 3.13
N ASP A 359 -13.03 15.84 3.95
CA ASP A 359 -12.16 16.49 4.94
C ASP A 359 -11.84 15.57 6.11
N GLU A 360 -12.80 14.74 6.54
CA GLU A 360 -12.53 13.76 7.59
C GLU A 360 -11.60 12.64 7.08
N ALA A 361 -11.95 12.02 5.95
CA ALA A 361 -11.16 10.90 5.45
C ALA A 361 -9.74 11.31 5.07
N LEU A 362 -9.46 12.58 4.83
CA LEU A 362 -8.07 13.00 4.60
C LEU A 362 -7.37 13.44 5.88
N LYS A 363 -8.10 13.93 6.88
CA LYS A 363 -7.49 14.19 8.18
C LYS A 363 -7.01 12.89 8.83
N ASP A 364 -7.71 11.78 8.53
CA ASP A 364 -7.31 10.45 8.99
C ASP A 364 -6.04 9.99 8.28
N ALA A 365 -6.12 9.75 6.98
CA ALA A 365 -4.93 9.26 6.29
C ALA A 365 -3.75 10.22 6.36
N GLN A 366 -3.85 11.37 7.06
CA GLN A 366 -2.67 12.19 7.33
C GLN A 366 -1.87 11.66 8.50
N THR A 367 -2.55 11.09 9.48
CA THR A 367 -1.91 10.53 10.65
C THR A 367 -1.45 9.07 10.41
N VAL A 368 -2.24 8.27 9.69
CA VAL A 368 -1.94 6.85 9.54
C VAL A 368 -0.47 6.59 9.11
N PRO A 369 0.07 7.26 8.08
CA PRO A 369 1.38 6.79 7.58
C PRO A 369 2.58 7.18 8.44
N HIS A 370 2.44 7.94 9.51
CA HIS A 370 3.62 8.26 10.30
C HIS A 370 3.23 8.34 11.78
N MET A 371 2.69 7.23 12.29
CA MET A 371 2.61 7.02 13.73
C MET A 371 3.95 6.38 14.23
N ARG B 5 4.66 4.90 18.63
CA ARG B 5 4.28 3.65 19.28
C ARG B 5 5.08 3.44 20.56
N GLY B 6 4.47 2.74 21.52
CA GLY B 6 5.18 2.33 22.69
C GLY B 6 4.51 1.20 23.47
N VAL B 7 4.89 1.09 24.74
CA VAL B 7 4.39 0.07 25.66
C VAL B 7 4.23 0.67 27.04
N LEU B 8 3.18 0.24 27.76
CA LEU B 8 3.02 0.49 29.18
C LEU B 8 3.03 -0.83 29.95
N GLN B 9 3.88 -0.90 30.98
CA GLN B 9 3.86 -2.06 31.86
C GLN B 9 2.76 -1.97 32.90
N VAL B 10 2.12 -3.10 33.17
CA VAL B 10 1.06 -3.18 34.17
C VAL B 10 1.40 -4.31 35.12
N SER B 11 1.88 -3.98 36.32
CA SER B 11 2.29 -5.05 37.22
C SER B 11 1.08 -5.85 37.71
N SER B 12 1.39 -7.04 38.22
CA SER B 12 0.37 -7.83 38.89
C SER B 12 -0.26 -7.05 40.04
N ASN B 13 0.49 -6.10 40.61
CA ASN B 13 -0.03 -5.35 41.74
C ASN B 13 -1.20 -4.47 41.33
N VAL B 14 -1.14 -3.94 40.10
CA VAL B 14 -2.20 -3.04 39.61
C VAL B 14 -3.54 -3.79 39.56
N LEU B 15 -3.52 -5.06 39.13
CA LEU B 15 -4.72 -5.89 39.16
C LEU B 15 -5.16 -6.20 40.59
N ASP B 16 -4.23 -6.40 41.53
CA ASP B 16 -4.66 -6.63 42.90
C ASP B 16 -5.42 -5.43 43.45
N CYS B 17 -5.03 -4.24 43.06
CA CYS B 17 -5.63 -3.04 43.62
C CYS B 17 -6.97 -2.68 42.98
N ALA B 18 -7.55 -3.58 42.19
CA ALA B 18 -8.74 -3.24 41.43
C ALA B 18 -9.93 -3.06 42.37
N ASN B 19 -10.79 -2.11 42.05
CA ASN B 19 -11.98 -1.91 42.86
C ASN B 19 -13.24 -2.26 42.07
N ASP B 20 -14.37 -2.18 42.76
CA ASP B 20 -15.62 -2.61 42.15
C ASP B 20 -16.06 -1.69 41.03
N ASN B 21 -15.64 -0.42 41.02
CA ASN B 21 -15.93 0.43 39.87
C ASN B 21 -15.30 -0.15 38.61
N TRP B 22 -14.13 -0.79 38.74
CA TRP B 22 -13.46 -1.41 37.60
C TRP B 22 -14.18 -2.67 37.15
N TRP B 23 -14.57 -3.53 38.10
CA TRP B 23 -15.09 -4.83 37.71
C TRP B 23 -16.54 -4.74 37.21
N CYS B 24 -17.33 -3.86 37.81
CA CYS B 24 -18.77 -3.80 37.57
C CYS B 24 -19.03 -2.80 36.44
N SER B 25 -18.81 -3.27 35.22
CA SER B 25 -19.30 -2.62 34.01
C SER B 25 -19.96 -3.66 33.13
N LEU B 26 -21.03 -3.26 32.48
CA LEU B 26 -21.72 -4.15 31.57
C LEU B 26 -21.22 -3.98 30.13
N LEU B 27 -20.17 -3.19 29.94
CA LEU B 27 -19.82 -2.78 28.60
C LEU B 27 -19.60 -4.00 27.71
N ASP B 28 -19.95 -3.83 26.44
CA ASP B 28 -20.05 -4.97 25.51
C ASP B 28 -18.67 -5.50 25.17
N LEU B 29 -18.25 -6.56 25.87
CA LEU B 29 -17.07 -7.30 25.47
C LEU B 29 -17.53 -8.43 24.55
N ASP B 30 -17.29 -8.24 23.26
CA ASP B 30 -17.83 -9.12 22.22
C ASP B 30 -16.84 -10.26 21.98
N THR B 31 -17.06 -11.35 22.71
CA THR B 31 -16.24 -12.55 22.69
C THR B 31 -16.83 -13.63 21.80
N SER B 32 -17.83 -13.29 20.98
CA SER B 32 -18.35 -14.25 20.03
C SER B 32 -17.26 -14.71 19.05
N ASP B 33 -16.37 -13.80 18.63
CA ASP B 33 -15.25 -14.20 17.80
C ASP B 33 -13.92 -13.97 18.51
N TRP B 34 -13.81 -14.55 19.70
CA TRP B 34 -12.62 -14.34 20.50
C TRP B 34 -12.41 -15.59 21.35
N GLU B 35 -11.63 -15.48 22.37
CA GLU B 35 -11.54 -16.49 23.38
C GLU B 35 -12.19 -15.95 24.66
N PRO B 36 -12.74 -16.81 25.51
CA PRO B 36 -13.35 -16.31 26.74
C PRO B 36 -12.32 -15.54 27.56
N LEU B 37 -12.80 -14.81 28.56
CA LEU B 37 -11.91 -13.99 29.37
C LEU B 37 -11.77 -14.57 30.78
N THR B 38 -10.56 -14.47 31.37
CA THR B 38 -10.40 -14.73 32.80
C THR B 38 -10.57 -13.40 33.53
N HIS B 39 -11.10 -13.45 34.75
CA HIS B 39 -11.30 -12.25 35.58
C HIS B 39 -10.22 -11.17 35.42
N THR B 40 -8.94 -11.52 35.34
CA THR B 40 -7.97 -10.46 35.11
C THR B 40 -7.81 -10.15 33.62
N ASN B 41 -8.06 -11.12 32.74
CA ASN B 41 -8.14 -10.78 31.32
C ASN B 41 -9.28 -9.77 31.07
N ARG B 42 -10.46 -10.05 31.64
CA ARG B 42 -11.60 -9.17 31.46
C ARG B 42 -11.31 -7.79 32.04
N LEU B 43 -10.56 -7.74 33.14
CA LEU B 43 -10.13 -6.45 33.68
C LEU B 43 -9.34 -5.66 32.65
N MET B 44 -8.47 -6.33 31.87
CA MET B 44 -7.73 -5.58 30.87
C MET B 44 -8.62 -5.13 29.70
N ALA B 45 -9.53 -5.99 29.26
CA ALA B 45 -10.51 -5.59 28.26
C ALA B 45 -11.19 -4.32 28.71
N ILE B 46 -11.84 -4.38 29.87
CA ILE B 46 -12.65 -3.26 30.35
C ILE B 46 -11.82 -1.99 30.44
N TYR B 47 -10.56 -2.13 30.80
CA TYR B 47 -9.70 -0.97 30.92
C TYR B 47 -9.44 -0.38 29.54
N LEU B 48 -9.03 -1.24 28.60
CA LEU B 48 -8.75 -0.81 27.24
C LEU B 48 -9.97 -0.14 26.63
N SER B 49 -11.13 -0.82 26.72
CA SER B 49 -12.39 -0.25 26.25
C SER B 49 -12.70 1.11 26.90
N SER B 50 -12.33 1.32 28.17
CA SER B 50 -12.69 2.56 28.83
C SER B 50 -11.66 3.64 28.62
N VAL B 51 -10.38 3.28 28.48
CA VAL B 51 -9.39 4.25 28.00
C VAL B 51 -9.73 4.71 26.59
N ALA B 52 -10.09 3.76 25.71
CA ALA B 52 -10.55 4.12 24.37
C ALA B 52 -11.69 5.12 24.42
N SER B 53 -12.74 4.80 25.19
CA SER B 53 -13.89 5.68 25.34
C SER B 53 -13.47 7.06 25.81
N LYS B 54 -12.62 7.14 26.84
CA LYS B 54 -12.21 8.46 27.30
C LYS B 54 -11.33 9.15 26.28
N LEU B 55 -10.50 8.41 25.56
CA LEU B 55 -9.72 9.05 24.50
C LEU B 55 -10.64 9.73 23.49
N ASP B 56 -11.75 9.09 23.12
CA ASP B 56 -12.60 9.58 22.03
C ASP B 56 -13.06 11.02 22.25
N LEU B 57 -13.31 11.42 23.51
CA LEU B 57 -13.80 12.74 23.89
C LEU B 57 -12.78 13.45 24.77
N THR B 58 -11.49 13.27 24.47
CA THR B 58 -10.39 13.99 25.11
C THR B 58 -9.82 15.01 24.13
N GLY B 59 -9.63 16.23 24.60
CA GLY B 59 -9.13 17.33 23.79
C GLY B 59 -7.65 17.56 23.94
N GLY B 60 -7.23 18.78 23.63
CA GLY B 60 -5.85 19.17 23.71
C GLY B 60 -5.02 18.51 22.63
N PRO B 61 -3.80 18.10 22.99
CA PRO B 61 -2.92 17.49 21.98
C PRO B 61 -3.50 16.22 21.39
N LEU B 62 -4.27 15.45 22.18
CA LEU B 62 -4.87 14.17 21.79
C LEU B 62 -6.15 14.32 20.98
N ALA B 63 -6.58 15.55 20.72
CA ALA B 63 -7.73 15.73 19.86
C ALA B 63 -7.42 15.14 18.50
N GLY B 64 -8.42 14.51 17.89
CA GLY B 64 -8.34 14.07 16.50
C GLY B 64 -7.34 12.98 16.23
N CYS B 65 -6.89 12.26 17.26
CA CYS B 65 -5.82 11.31 17.05
C CYS B 65 -6.39 9.94 16.67
N LEU B 66 -5.51 9.11 16.12
CA LEU B 66 -5.77 7.72 15.79
C LEU B 66 -4.97 6.83 16.73
N TYR B 67 -5.60 5.74 17.22
CA TYR B 67 -4.95 4.94 18.24
C TYR B 67 -5.20 3.46 17.99
N PHE B 68 -4.23 2.65 18.43
CA PHE B 68 -4.35 1.20 18.42
C PHE B 68 -3.80 0.71 19.76
N PHE B 69 -4.68 0.13 20.57
CA PHE B 69 -4.36 -0.48 21.85
C PHE B 69 -4.49 -2.00 21.76
N GLN B 70 -3.62 -2.68 22.52
CA GLN B 70 -3.48 -4.13 22.54
C GLN B 70 -2.77 -4.54 23.82
N VAL B 71 -3.44 -5.35 24.62
CA VAL B 71 -2.90 -5.76 25.91
C VAL B 71 -2.58 -7.24 25.84
N GLU B 72 -1.36 -7.58 26.24
CA GLU B 72 -0.93 -8.97 26.24
C GLU B 72 -0.47 -9.38 27.65
N CYS B 73 -0.39 -10.70 27.84
CA CYS B 73 0.25 -11.28 29.02
C CYS B 73 1.76 -11.12 28.91
N ASN B 74 2.41 -10.69 29.99
CA ASN B 74 3.87 -10.72 30.03
C ASN B 74 4.34 -12.17 30.06
N LYS B 75 5.17 -12.57 29.09
CA LYS B 75 5.49 -13.99 28.92
C LYS B 75 6.45 -14.55 29.97
N PHE B 76 7.22 -13.70 30.65
CA PHE B 76 8.20 -14.19 31.59
C PHE B 76 8.16 -13.49 32.94
N GLU B 77 7.17 -12.62 33.16
CA GLU B 77 6.81 -12.06 34.45
C GLU B 77 5.30 -12.11 34.62
N GLU B 78 4.84 -11.95 35.86
CA GLU B 78 3.40 -11.75 36.03
C GLU B 78 3.00 -10.37 35.50
N GLY B 79 1.73 -10.18 35.26
CA GLY B 79 1.29 -8.88 34.79
C GLY B 79 1.19 -8.79 33.28
N TYR B 80 0.90 -7.58 32.80
CA TYR B 80 0.59 -7.36 31.40
C TYR B 80 1.32 -6.15 30.85
N HIS B 81 1.51 -6.14 29.54
CA HIS B 81 1.91 -4.93 28.86
C HIS B 81 0.83 -4.61 27.81
N ILE B 82 0.63 -3.32 27.59
CA ILE B 82 -0.31 -2.79 26.61
C ILE B 82 0.51 -2.23 25.46
N HIS B 83 0.25 -2.71 24.26
CA HIS B 83 0.78 -2.03 23.07
C HIS B 83 -0.06 -0.82 22.73
N VAL B 84 0.60 0.31 22.55
CA VAL B 84 -0.07 1.53 22.11
C VAL B 84 0.60 2.01 20.83
N VAL B 85 -0.19 2.08 19.76
CA VAL B 85 0.16 2.82 18.55
C VAL B 85 -0.72 4.07 18.52
N GLY B 87 -1.05 8.55 17.21
CA GLY B 87 -0.55 9.67 16.47
C GLY B 87 -1.70 10.61 16.18
N GLY B 88 -1.34 11.83 15.79
CA GLY B 88 -2.28 12.88 15.48
C GLY B 88 -1.58 14.22 15.39
N PRO B 89 -2.26 15.20 14.83
CA PRO B 89 -1.76 16.57 14.94
C PRO B 89 -1.63 16.96 16.42
N GLY B 90 -0.68 17.84 16.71
CA GLY B 90 -0.40 18.24 18.08
C GLY B 90 0.08 17.13 18.99
N LEU B 91 0.48 15.99 18.43
CA LEU B 91 1.08 14.89 19.18
C LEU B 91 2.49 14.69 18.63
N ASN B 92 3.49 15.13 19.39
CA ASN B 92 4.87 15.13 18.93
C ASN B 92 5.77 14.47 19.96
N PRO B 93 7.03 14.17 19.60
CA PRO B 93 7.92 13.50 20.55
C PRO B 93 8.08 14.23 21.88
N ARG B 94 7.79 15.53 21.93
CA ARG B 94 8.04 16.28 23.15
C ARG B 94 6.89 16.21 24.14
N ASN B 95 5.67 15.89 23.70
CA ASN B 95 4.57 15.72 24.64
C ASN B 95 4.02 14.30 24.66
N LEU B 96 4.49 13.44 23.75
CA LEU B 96 3.87 12.14 23.54
C LEU B 96 3.83 11.32 24.82
N THR B 97 4.96 11.24 25.53
CA THR B 97 4.99 10.41 26.72
C THR B 97 4.04 10.94 27.78
N VAL B 98 4.03 12.26 27.98
CA VAL B 98 3.19 12.84 29.02
C VAL B 98 1.71 12.66 28.68
N CYS B 99 1.35 12.91 27.42
CA CYS B 99 -0.05 12.76 27.01
C CYS B 99 -0.50 11.31 27.08
N VAL B 100 0.37 10.37 26.76
CA VAL B 100 -0.06 8.98 26.79
C VAL B 100 -0.16 8.48 28.23
N GLU B 101 0.76 8.94 29.10
CA GLU B 101 0.67 8.56 30.51
C GLU B 101 -0.54 9.19 31.17
N GLY B 102 -0.84 10.46 30.85
CA GLY B 102 -1.98 11.14 31.45
C GLY B 102 -3.28 10.46 31.11
N LEU B 103 -3.48 10.10 29.84
CA LEU B 103 -4.71 9.45 29.40
C LEU B 103 -4.98 8.19 30.22
N PHE B 104 -3.95 7.36 30.43
CA PHE B 104 -4.12 6.04 30.99
C PHE B 104 -4.20 6.08 32.52
N ASN B 105 -3.41 6.95 33.13
CA ASN B 105 -3.45 7.09 34.58
C ASN B 105 -4.78 7.68 35.05
N ASN B 106 -5.35 8.59 34.25
CA ASN B 106 -6.58 9.27 34.64
C ASN B 106 -7.80 8.35 34.59
N VAL B 107 -7.83 7.40 33.65
CA VAL B 107 -8.88 6.39 33.70
C VAL B 107 -8.64 5.44 34.84
N LEU B 108 -7.39 4.95 34.98
CA LEU B 108 -7.07 3.93 35.99
C LEU B 108 -7.28 4.46 37.41
N TYR B 109 -7.04 5.75 37.63
CA TYR B 109 -7.18 6.34 38.97
C TYR B 109 -8.51 5.96 39.61
N HIS B 110 -9.57 5.87 38.79
CA HIS B 110 -10.91 5.54 39.27
C HIS B 110 -11.07 4.05 39.56
N PHE B 111 -10.14 3.19 39.09
CA PHE B 111 -10.29 1.75 39.12
C PHE B 111 -9.43 1.03 40.16
N VAL B 112 -8.54 1.75 40.86
CA VAL B 112 -7.65 1.11 41.83
C VAL B 112 -7.87 1.73 43.20
N THR B 113 -7.61 0.92 44.24
CA THR B 113 -7.76 1.26 45.65
C THR B 113 -6.53 1.92 46.26
N GLU B 114 -5.41 1.98 45.55
CA GLU B 114 -4.29 2.79 45.99
C GLU B 114 -3.82 3.65 44.83
N ASN B 115 -2.94 4.62 45.14
CA ASN B 115 -2.21 5.36 44.12
C ASN B 115 -1.30 4.48 43.26
N VAL B 116 -1.65 4.29 41.98
CA VAL B 116 -0.84 3.52 41.04
C VAL B 116 -0.68 4.30 39.75
N LYS B 117 0.56 4.46 39.29
CA LYS B 117 0.86 5.20 38.06
C LYS B 117 1.57 4.29 37.07
N LEU B 118 1.18 4.40 35.80
CA LEU B 118 1.80 3.67 34.71
C LEU B 118 2.86 4.54 34.04
N LYS B 119 3.83 3.87 33.42
CA LYS B 119 4.91 4.53 32.71
C LYS B 119 4.86 4.10 31.24
N PHE B 120 5.02 5.07 30.34
CA PHE B 120 4.99 4.82 28.90
C PHE B 120 6.42 4.84 28.36
N LEU B 121 6.83 3.73 27.76
CA LEU B 121 8.15 3.61 27.15
C LEU B 121 8.01 3.68 25.63
N PRO B 122 8.40 4.80 25.01
CA PRO B 122 8.13 4.96 23.57
C PRO B 122 9.13 4.17 22.74
N GLY B 123 8.62 3.36 21.83
CA GLY B 123 9.45 2.63 20.89
C GLY B 123 10.42 3.48 20.09
N MET B 124 11.73 3.29 20.31
CA MET B 124 12.80 4.06 19.70
C MET B 124 13.55 3.23 18.67
N THR B 125 14.18 3.91 17.70
CA THR B 125 15.08 3.20 16.81
C THR B 125 16.42 2.93 17.54
N THR B 126 17.23 2.05 16.95
CA THR B 126 18.59 1.87 17.42
C THR B 126 19.41 3.14 17.27
N LYS B 127 19.03 4.03 16.37
CA LYS B 127 19.71 5.31 16.20
C LYS B 127 19.07 6.44 17.01
N GLY B 128 18.34 6.12 18.09
CA GLY B 128 17.81 7.10 19.02
C GLY B 128 16.59 7.89 18.56
N LYS B 129 15.99 7.54 17.42
CA LYS B 129 14.87 8.28 16.87
C LYS B 129 13.56 7.59 17.23
N TYR B 130 12.53 8.38 17.55
CA TYR B 130 11.22 7.81 17.79
C TYR B 130 10.77 7.01 16.57
N PHE B 131 10.03 5.93 16.82
CA PHE B 131 9.49 5.14 15.72
C PHE B 131 8.29 5.87 15.12
N ARG B 132 8.21 5.84 13.80
CA ARG B 132 7.10 6.47 13.11
C ARG B 132 6.53 5.50 12.09
N ASP B 133 6.35 4.25 12.53
CA ASP B 133 5.88 3.18 11.66
C ASP B 133 4.68 2.47 12.25
N GLY B 134 4.04 3.06 13.25
CA GLY B 134 2.88 2.44 13.85
C GLY B 134 2.01 1.61 12.93
N GLU B 135 1.70 2.11 11.73
CA GLU B 135 0.76 1.39 10.86
C GLU B 135 1.36 0.07 10.37
N GLN B 136 2.57 0.09 9.82
CA GLN B 136 3.16 -1.20 9.47
C GLN B 136 3.47 -2.03 10.70
N PHE B 137 3.62 -1.41 11.86
CA PHE B 137 3.70 -2.19 13.09
C PHE B 137 2.39 -2.95 13.33
N ILE B 138 1.26 -2.24 13.26
CA ILE B 138 -0.03 -2.90 13.41
C ILE B 138 -0.17 -3.99 12.38
N GLU B 139 0.24 -3.69 11.16
CA GLU B 139 -0.07 -4.58 10.06
C GLU B 139 0.82 -5.82 10.12
N ASN B 140 2.08 -5.67 10.50
CA ASN B 140 3.05 -6.76 10.43
C ASN B 140 3.31 -7.44 11.78
N TYR B 141 2.83 -6.89 12.91
CA TYR B 141 3.06 -7.49 14.21
C TYR B 141 1.78 -7.69 14.98
N LEU B 142 1.11 -6.62 15.44
CA LEU B 142 0.04 -6.75 16.44
C LEU B 142 -1.19 -7.50 15.94
N MET B 143 -1.57 -7.30 14.68
CA MET B 143 -2.73 -8.00 14.14
C MET B 143 -2.42 -9.47 13.83
N LYS B 144 -1.14 -9.86 13.84
CA LYS B 144 -0.79 -11.24 13.56
C LYS B 144 -0.87 -12.13 14.81
N LYS B 145 -0.82 -11.56 16.01
CA LYS B 145 -1.06 -12.31 17.24
C LYS B 145 -2.52 -12.74 17.32
N ILE B 146 -2.77 -13.93 17.83
CA ILE B 146 -4.16 -14.39 17.95
C ILE B 146 -4.41 -14.75 19.41
N ASN B 149 -2.72 -15.13 22.98
CA ASN B 149 -1.46 -14.39 22.98
C ASN B 149 -1.69 -12.89 22.91
N VAL B 150 -2.85 -12.50 22.38
CA VAL B 150 -3.39 -11.15 22.47
C VAL B 150 -4.68 -11.18 23.27
N VAL B 151 -4.68 -10.49 24.41
CA VAL B 151 -5.85 -10.57 25.28
C VAL B 151 -6.99 -9.75 24.71
N TRP B 152 -6.78 -8.43 24.55
CA TRP B 152 -7.84 -7.55 24.05
C TRP B 152 -7.21 -6.48 23.18
N CYS B 153 -8.07 -5.73 22.50
CA CYS B 153 -7.61 -4.77 21.52
C CYS B 153 -8.73 -3.83 21.13
N VAL B 154 -8.46 -2.53 21.19
CA VAL B 154 -9.43 -1.51 20.81
C VAL B 154 -8.70 -0.51 19.92
N THR B 155 -9.46 0.13 19.03
CA THR B 155 -8.88 1.01 18.02
C THR B 155 -10.01 1.83 17.38
N ASN B 156 -9.65 3.02 16.91
CA ASN B 156 -10.55 3.86 16.13
C ASN B 156 -10.04 4.07 14.72
N ILE B 157 -9.23 3.16 14.21
CA ILE B 157 -8.71 3.30 12.85
C ILE B 157 -9.57 2.48 11.91
N ASP B 158 -10.18 3.15 10.94
CA ASP B 158 -11.16 2.53 10.07
C ASP B 158 -10.56 1.30 9.40
N GLY B 159 -11.35 0.24 9.31
CA GLY B 159 -10.86 -1.03 8.79
C GLY B 159 -10.33 -2.01 9.84
N TYR B 160 -9.70 -1.51 10.91
CA TYR B 160 -9.29 -2.35 12.02
C TYR B 160 -10.32 -2.32 13.15
N ILE B 161 -11.41 -1.58 12.97
CA ILE B 161 -12.36 -1.39 14.06
C ILE B 161 -13.08 -2.70 14.35
N ASP B 162 -13.39 -3.46 13.30
CA ASP B 162 -14.11 -4.73 13.37
C ASP B 162 -13.18 -5.91 13.51
N THR B 163 -12.05 -5.85 12.80
CA THR B 163 -11.15 -6.99 12.70
C THR B 163 -10.29 -7.18 13.96
N CYS B 164 -10.01 -6.10 14.69
CA CYS B 164 -9.08 -6.20 15.81
C CYS B 164 -9.55 -7.19 16.88
N ILE B 165 -10.87 -7.39 17.03
CA ILE B 165 -11.38 -8.38 17.98
C ILE B 165 -12.06 -9.51 17.22
N SER B 166 -11.51 -9.84 16.06
CA SER B 166 -11.78 -11.09 15.34
C SER B 166 -10.62 -12.06 15.55
N ALA B 167 -10.87 -13.17 16.24
CA ALA B 167 -9.94 -14.29 16.16
C ALA B 167 -9.84 -14.78 14.71
N THR B 168 -11.00 -14.95 14.06
CA THR B 168 -11.10 -15.52 12.73
C THR B 168 -10.17 -14.81 11.74
N PHE B 169 -10.18 -13.48 11.77
CA PHE B 169 -9.38 -12.68 10.85
C PHE B 169 -7.89 -12.87 11.10
N ARG B 170 -7.45 -12.58 12.32
CA ARG B 170 -6.03 -12.67 12.64
C ARG B 170 -5.44 -14.03 12.23
N ARG B 171 -6.19 -15.13 12.43
CA ARG B 171 -5.72 -16.48 12.05
C ARG B 171 -5.33 -16.58 10.57
C1 GLC C . -0.58 -2.56 -11.16
C2 GLC C . 0.90 -1.94 -10.87
C3 GLC C . 1.18 -1.47 -9.43
C4 GLC C . -0.11 -0.90 -8.75
C5 GLC C . -1.34 -1.86 -8.91
C6 GLC C . -2.54 -1.18 -8.22
O1 GLC C . -0.56 -3.95 -11.38
O2 GLC C . 1.95 -2.82 -11.21
O3 GLC C . 2.12 -0.42 -9.52
O4 GLC C . 0.15 -0.88 -7.33
O5 GLC C . -1.65 -2.17 -10.27
O6 GLC C . -3.25 -2.16 -7.51
C1 GLC C . 0.78 0.29 -6.82
C2 GLC C . 1.85 -0.12 -5.80
C3 GLC C . 1.19 -0.88 -4.56
C4 GLC C . -0.04 -0.09 -4.03
C5 GLC C . -0.94 0.34 -5.23
C6 GLC C . -2.17 1.11 -4.70
O2 GLC C . 2.79 -0.99 -6.39
O3 GLC C . 2.08 -1.00 -3.45
O4 GLC C . -0.75 -1.00 -3.19
O5 GLC C . -0.16 1.10 -6.15
O6 GLC C . -3.28 0.71 -5.45
ZN ZN D . 3.89 -7.73 23.22
#